data_2W63
#
_entry.id   2W63
#
_cell.length_a   50.020
_cell.length_b   70.267
_cell.length_c   148.913
_cell.angle_alpha   90.00
_cell.angle_beta   90.00
_cell.angle_gamma   90.00
#
_symmetry.space_group_name_H-M   'P 21 21 21'
#
loop_
_entity.id
_entity.type
_entity.pdbx_description
1 polymer 'GLYCOLIPID-ANCHORED SURFACE PROTEIN 2'
2 branched beta-D-glucopyranose-(1-3)-beta-D-glucopyranose-(1-3)-beta-D-glucopyranose-(1-3)-beta-D-glucopyranose
3 branched beta-D-glucopyranose-(1-3)-beta-D-glucopyranose-(1-3)-beta-D-glucopyranose
4 water water
#
_entity_poly.entity_id   1
_entity_poly.type   'polypeptide(L)'
_entity_poly.pdbx_seq_one_letter_code
;MNKKQNFYAAIIVAIFLCLQLSHGSSGVSFEKTPAIKIVGNKFFDSESGEQFFIKGIAYQLQRSEEELSNANGAFETSYI
DALADPKICLRDIPFLKMLGVNTLRVYAIDPTKSHDICMEALSAEGMYVLLDLSEPDISINRENPSWDVHIFERYKSVID
AMSSFPNLLGYFAGNEVTNDHTNTFASPFVKAAIRDAKEYISHSNHRKIPVGYSTNDDAMTRDNLARYFVCGDVKADFYG
INMYEWCGYSTYGTSGYRERTKEFEGYPIPVFFSEFGCNLVRPRPFTEVSALYGNKMSSVWSGGLAYMYFEEENEYGVVK
INDNDGVDILPDFKNLKKEFAKADPKGITEEEYLTAKEPTEVESVECPHIAVGVWEANEKLPETPDRSKCACLDEILPCE
IVPFGAESGKYEEYFSYLCSKVDCSDILANGKTGEYGEFSDCSVEQKLSLQLSKLYCKIGANDRHCPLNDKNVYFNLESL
QPLTSESICKNVFDSIRNITYNHGDYSKSNPSRSKESLNVKYPSSEERENDGTIAFKTSGFVILLISMIAAGILL
;
_entity_poly.pdbx_strand_id   A
#
# COMPACT_ATOMS: atom_id res chain seq x y z
N SER A 29 17.63 -14.98 16.11
CA SER A 29 18.40 -13.70 16.11
C SER A 29 18.08 -12.81 14.91
N PHE A 30 17.75 -11.56 15.23
CA PHE A 30 17.62 -10.51 14.23
C PHE A 30 18.81 -9.54 14.21
N GLU A 31 19.94 -9.96 14.80
CA GLU A 31 21.13 -9.09 14.96
C GLU A 31 21.59 -8.43 13.65
N LYS A 32 21.55 -9.16 12.54
CA LYS A 32 22.02 -8.63 11.27
C LYS A 32 21.03 -7.63 10.64
N THR A 33 19.85 -7.47 11.22
CA THR A 33 18.91 -6.45 10.75
C THR A 33 18.35 -5.58 11.89
N PRO A 34 19.15 -4.60 12.37
CA PRO A 34 18.60 -3.68 13.36
C PRO A 34 17.43 -2.91 12.74
N ALA A 35 16.41 -2.61 13.55
CA ALA A 35 15.28 -1.83 13.06
C ALA A 35 15.73 -0.54 12.38
N ILE A 36 15.08 -0.17 11.28
CA ILE A 36 15.35 1.09 10.61
C ILE A 36 14.34 2.10 11.10
N LYS A 37 14.80 3.32 11.40
CA LYS A 37 13.89 4.37 11.83
C LYS A 37 13.97 5.54 10.85
N ILE A 38 12.99 6.44 10.93
CA ILE A 38 12.99 7.63 10.06
C ILE A 38 13.35 8.87 10.88
N VAL A 39 14.29 9.67 10.36
CA VAL A 39 14.55 11.01 10.89
C VAL A 39 14.46 11.97 9.70
N GLY A 40 13.54 12.94 9.78
CA GLY A 40 13.36 13.89 8.68
C GLY A 40 13.03 13.17 7.40
N ASN A 41 13.82 13.43 6.36
CA ASN A 41 13.61 12.79 5.05
C ASN A 41 14.58 11.67 4.72
N LYS A 42 15.12 11.04 5.77
CA LYS A 42 16.06 9.93 5.59
C LYS A 42 15.78 8.74 6.52
N PHE A 43 16.20 7.55 6.11
CA PHE A 43 16.12 6.34 6.93
C PHE A 43 17.48 6.15 7.61
N PHE A 44 17.47 5.66 8.84
CA PHE A 44 18.68 5.39 9.61
C PHE A 44 18.61 4.04 10.32
N ASP A 45 19.76 3.36 10.37
CA ASP A 45 19.94 2.14 11.15
C ASP A 45 19.94 2.57 12.62
N SER A 46 18.94 2.11 13.38
CA SER A 46 18.74 2.56 14.77
C SER A 46 19.88 2.20 15.71
N GLU A 47 20.71 1.25 15.29
CA GLU A 47 21.82 0.79 16.10
C GLU A 47 23.06 1.60 15.77
N SER A 48 23.42 1.65 14.50
CA SER A 48 24.69 2.27 14.06
C SER A 48 24.56 3.78 13.82
N GLY A 49 23.36 4.27 13.51
CA GLY A 49 23.15 5.67 13.14
C GLY A 49 23.54 6.01 11.70
N GLU A 50 23.94 5.02 10.90
CA GLU A 50 24.29 5.26 9.50
C GLU A 50 23.03 5.36 8.66
N GLN A 51 23.06 6.17 7.59
CA GLN A 51 21.89 6.28 6.73
C GLN A 51 21.68 4.94 6.05
N PHE A 52 20.40 4.55 5.97
CA PHE A 52 19.98 3.32 5.32
C PHE A 52 19.51 3.63 3.93
N PHE A 53 20.13 2.97 2.96
CA PHE A 53 19.70 3.03 1.57
C PHE A 53 19.09 1.69 1.16
N ILE A 54 17.91 1.76 0.54
CA ILE A 54 17.28 0.57 0.01
C ILE A 54 17.96 0.10 -1.28
N LYS A 55 18.43 -1.14 -1.27
CA LYS A 55 18.89 -1.83 -2.48
C LYS A 55 17.98 -3.03 -2.61
N GLY A 56 16.89 -2.87 -3.35
CA GLY A 56 15.83 -3.84 -3.25
C GLY A 56 15.38 -4.51 -4.52
N ILE A 57 14.48 -5.46 -4.32
CA ILE A 57 13.80 -6.10 -5.43
C ILE A 57 12.40 -6.52 -5.00
N ALA A 58 11.43 -6.33 -5.90
CA ALA A 58 10.07 -6.81 -5.67
C ALA A 58 10.08 -8.34 -5.74
N TYR A 59 9.28 -8.97 -4.88
CA TYR A 59 9.31 -10.42 -4.69
C TYR A 59 7.87 -10.88 -4.47
N GLN A 60 7.21 -11.32 -5.54
CA GLN A 60 5.80 -11.70 -5.45
C GLN A 60 5.44 -12.61 -6.59
N LEU A 61 5.00 -13.80 -6.21
CA LEU A 61 4.55 -14.84 -7.10
C LEU A 61 3.07 -14.55 -7.45
N GLN A 62 2.64 -14.98 -8.63
CA GLN A 62 1.31 -14.65 -9.14
C GLN A 62 0.69 -15.86 -9.81
N GLU A 76 -7.11 -20.67 0.31
CA GLU A 76 -7.16 -20.79 -1.15
C GLU A 76 -7.18 -19.39 -1.72
N THR A 77 -6.22 -18.58 -1.27
CA THR A 77 -6.20 -17.16 -1.57
C THR A 77 -5.87 -16.94 -3.04
N SER A 78 -6.33 -15.81 -3.58
CA SER A 78 -6.06 -15.40 -4.97
C SER A 78 -4.56 -15.15 -5.19
N TYR A 79 -3.94 -14.56 -4.18
CA TYR A 79 -2.51 -14.29 -4.17
C TYR A 79 -1.75 -15.47 -3.54
N ILE A 80 -0.44 -15.52 -3.79
CA ILE A 80 0.45 -16.51 -3.20
C ILE A 80 1.35 -15.76 -2.25
N ASP A 81 1.43 -16.25 -1.02
CA ASP A 81 2.27 -15.67 0.01
C ASP A 81 3.55 -16.49 0.13
N ALA A 82 4.57 -16.08 -0.61
CA ALA A 82 5.83 -16.81 -0.62
C ALA A 82 6.50 -16.79 0.78
N LEU A 83 6.21 -15.75 1.56
CA LEU A 83 6.80 -15.61 2.90
C LEU A 83 6.16 -16.50 3.97
N ALA A 84 5.03 -17.13 3.62
CA ALA A 84 4.39 -18.11 4.49
C ALA A 84 4.81 -19.54 4.15
N ASP A 85 5.68 -19.70 3.14
CA ASP A 85 6.06 -21.02 2.67
C ASP A 85 7.58 -21.17 2.59
N PRO A 86 8.19 -21.73 3.65
CA PRO A 86 9.65 -21.93 3.70
C PRO A 86 10.29 -22.54 2.45
N LYS A 87 9.66 -23.53 1.82
CA LYS A 87 10.28 -24.16 0.66
C LYS A 87 10.46 -23.19 -0.51
N ILE A 88 9.63 -22.16 -0.56
CA ILE A 88 9.77 -21.10 -1.55
C ILE A 88 10.82 -20.06 -1.14
N CYS A 89 10.63 -19.40 0.01
CA CYS A 89 11.55 -18.34 0.42
C CYS A 89 12.98 -18.89 0.63
N LEU A 90 13.07 -20.11 1.15
CA LEU A 90 14.38 -20.70 1.37
C LEU A 90 15.08 -21.07 0.06
N ARG A 91 14.31 -21.37 -0.98
CA ARG A 91 14.86 -21.59 -2.32
C ARG A 91 15.48 -20.29 -2.86
N ASP A 92 14.76 -19.19 -2.69
CA ASP A 92 15.08 -17.92 -3.35
C ASP A 92 16.09 -17.03 -2.61
N ILE A 93 16.13 -17.11 -1.28
CA ILE A 93 17.04 -16.29 -0.49
C ILE A 93 18.54 -16.40 -0.94
N PRO A 94 19.05 -17.62 -1.21
CA PRO A 94 20.43 -17.71 -1.75
C PRO A 94 20.65 -16.90 -3.04
N PHE A 95 19.63 -16.81 -3.88
CA PHE A 95 19.71 -16.04 -5.13
C PHE A 95 19.57 -14.55 -4.86
N LEU A 96 18.66 -14.21 -3.96
CA LEU A 96 18.53 -12.84 -3.48
C LEU A 96 19.83 -12.32 -2.85
N LYS A 97 20.49 -13.19 -2.08
CA LYS A 97 21.80 -12.85 -1.52
C LYS A 97 22.84 -12.57 -2.62
N MET A 98 22.87 -13.39 -3.68
CA MET A 98 23.77 -13.19 -4.82
C MET A 98 23.55 -11.85 -5.50
N LEU A 99 22.28 -11.43 -5.62
CA LEU A 99 21.93 -10.14 -6.22
C LEU A 99 22.42 -8.95 -5.40
N GLY A 100 22.63 -9.16 -4.10
CA GLY A 100 23.14 -8.11 -3.21
C GLY A 100 22.08 -7.15 -2.68
N VAL A 101 20.82 -7.59 -2.68
CA VAL A 101 19.73 -6.78 -2.13
C VAL A 101 19.68 -6.80 -0.61
N ASN A 102 19.24 -5.70 -0.01
CA ASN A 102 19.00 -5.64 1.43
C ASN A 102 17.52 -5.46 1.72
N THR A 103 16.70 -5.38 0.68
CA THR A 103 15.25 -5.16 0.87
C THR A 103 14.42 -5.87 -0.19
N LEU A 104 13.30 -6.45 0.23
CA LEU A 104 12.29 -6.96 -0.68
C LEU A 104 11.03 -6.10 -0.59
N ARG A 105 10.31 -5.98 -1.69
CA ARG A 105 8.96 -5.45 -1.61
C ARG A 105 7.98 -6.59 -1.86
N VAL A 106 7.06 -6.79 -0.92
CA VAL A 106 6.07 -7.83 -1.03
C VAL A 106 4.70 -7.15 -1.10
N TYR A 107 3.83 -7.60 -2.00
CA TYR A 107 2.57 -6.90 -2.24
C TYR A 107 1.39 -7.54 -1.51
N ALA A 108 1.54 -8.80 -1.14
CA ALA A 108 0.43 -9.51 -0.48
C ALA A 108 0.95 -10.62 0.41
N ILE A 109 0.55 -10.59 1.68
CA ILE A 109 0.73 -11.74 2.58
C ILE A 109 -0.61 -12.25 3.10
N ASP A 110 -0.63 -13.51 3.50
CA ASP A 110 -1.80 -14.07 4.16
C ASP A 110 -1.56 -13.97 5.68
N PRO A 111 -2.29 -13.07 6.37
CA PRO A 111 -2.08 -12.85 7.81
C PRO A 111 -2.49 -14.01 8.70
N THR A 112 -3.27 -14.94 8.15
CA THR A 112 -3.59 -16.15 8.93
C THR A 112 -2.42 -17.15 9.04
N LYS A 113 -1.37 -16.97 8.25
CA LYS A 113 -0.25 -17.93 8.27
C LYS A 113 0.96 -17.36 9.01
N SER A 114 1.80 -18.25 9.52
CA SER A 114 3.04 -17.85 10.17
C SER A 114 4.06 -17.30 9.15
N HIS A 115 4.87 -16.32 9.58
CA HIS A 115 5.93 -15.75 8.72
C HIS A 115 7.30 -15.76 9.38
N ASP A 116 7.42 -16.32 10.58
CA ASP A 116 8.70 -16.22 11.28
C ASP A 116 9.87 -16.91 10.61
N ILE A 117 9.64 -18.09 10.02
CA ILE A 117 10.73 -18.82 9.35
C ILE A 117 11.34 -17.98 8.21
N CYS A 118 10.52 -17.49 7.30
CA CYS A 118 11.01 -16.68 6.19
C CYS A 118 11.57 -15.34 6.66
N MET A 119 10.89 -14.71 7.62
CA MET A 119 11.37 -13.42 8.13
C MET A 119 12.73 -13.54 8.83
N GLU A 120 12.92 -14.61 9.60
CA GLU A 120 14.21 -14.89 10.25
C GLU A 120 15.29 -15.23 9.23
N ALA A 121 14.91 -15.99 8.20
CA ALA A 121 15.87 -16.39 7.19
C ALA A 121 16.31 -15.18 6.38
N LEU A 122 15.40 -14.22 6.17
CA LEU A 122 15.74 -12.96 5.51
C LEU A 122 16.68 -12.14 6.39
N SER A 123 16.35 -12.05 7.67
CA SER A 123 17.18 -11.31 8.63
C SER A 123 18.60 -11.86 8.71
N ALA A 124 18.73 -13.19 8.68
CA ALA A 124 20.05 -13.87 8.70
C ALA A 124 20.89 -13.48 7.50
N GLU A 125 20.25 -13.02 6.43
CA GLU A 125 20.98 -12.49 5.27
C GLU A 125 20.98 -10.96 5.14
N GLY A 126 20.56 -10.26 6.20
CA GLY A 126 20.57 -8.80 6.21
C GLY A 126 19.46 -8.16 5.37
N MET A 127 18.37 -8.89 5.19
CA MET A 127 17.30 -8.42 4.31
C MET A 127 16.07 -7.95 5.08
N TYR A 128 15.52 -6.83 4.63
CA TYR A 128 14.34 -6.17 5.16
C TYR A 128 13.16 -6.34 4.19
N VAL A 129 11.97 -6.05 4.68
CA VAL A 129 10.77 -6.21 3.88
C VAL A 129 9.92 -4.93 3.92
N LEU A 130 9.57 -4.41 2.74
CA LEU A 130 8.52 -3.40 2.59
C LEU A 130 7.26 -4.16 2.18
N LEU A 131 6.12 -3.87 2.82
CA LEU A 131 4.96 -4.74 2.65
C LEU A 131 3.69 -3.92 2.44
N ASP A 132 2.95 -4.17 1.36
CA ASP A 132 1.59 -3.62 1.22
C ASP A 132 0.61 -4.22 2.23
N LEU A 133 -0.30 -3.39 2.71
CA LEU A 133 -1.29 -3.85 3.68
C LEU A 133 -2.51 -4.45 2.97
N SER A 134 -2.74 -4.01 1.73
CA SER A 134 -3.89 -4.46 0.95
C SER A 134 -3.58 -5.77 0.21
N GLU A 135 -4.60 -6.30 -0.45
CA GLU A 135 -4.43 -7.40 -1.37
C GLU A 135 -5.46 -7.18 -2.49
N PRO A 136 -5.28 -7.86 -3.67
CA PRO A 136 -6.09 -7.47 -4.84
C PRO A 136 -7.60 -7.45 -4.62
N ASP A 137 -8.10 -8.38 -3.79
CA ASP A 137 -9.53 -8.52 -3.52
C ASP A 137 -9.97 -7.63 -2.36
N ILE A 138 -9.03 -7.07 -1.61
CA ILE A 138 -9.33 -6.13 -0.51
C ILE A 138 -8.38 -4.92 -0.56
N SER A 139 -8.81 -3.90 -1.31
CA SER A 139 -8.01 -2.70 -1.58
CA SER A 139 -8.01 -2.70 -1.50
C SER A 139 -8.98 -1.55 -1.75
N ILE A 140 -8.50 -0.33 -1.61
CA ILE A 140 -9.35 0.83 -1.87
C ILE A 140 -9.60 0.89 -3.37
N ASN A 141 -10.87 0.88 -3.77
CA ASN A 141 -11.26 0.80 -5.18
C ASN A 141 -11.09 2.20 -5.78
N ARG A 142 -10.12 2.37 -6.69
CA ARG A 142 -9.83 3.72 -7.18
C ARG A 142 -11.01 4.37 -7.93
N GLU A 143 -11.88 3.56 -8.52
CA GLU A 143 -13.00 4.14 -9.27
C GLU A 143 -14.24 4.42 -8.43
N ASN A 144 -14.40 3.64 -7.37
CA ASN A 144 -15.52 3.76 -6.42
C ASN A 144 -14.98 3.64 -4.98
N PRO A 145 -14.22 4.64 -4.54
CA PRO A 145 -13.50 4.44 -3.29
C PRO A 145 -14.35 4.48 -2.01
N SER A 146 -13.89 3.67 -1.05
CA SER A 146 -14.49 3.57 0.28
CA SER A 146 -14.47 3.61 0.28
C SER A 146 -13.35 3.33 1.28
N TRP A 147 -13.46 3.85 2.49
CA TRP A 147 -12.54 3.49 3.56
C TRP A 147 -13.43 2.94 4.66
N ASP A 148 -13.43 1.62 4.82
CA ASP A 148 -14.46 0.98 5.63
C ASP A 148 -13.89 -0.10 6.52
N VAL A 149 -14.78 -0.72 7.31
CA VAL A 149 -14.39 -1.68 8.34
C VAL A 149 -13.76 -2.92 7.73
N HIS A 150 -14.19 -3.27 6.52
CA HIS A 150 -13.72 -4.49 5.90
C HIS A 150 -12.26 -4.30 5.46
N ILE A 151 -11.97 -3.18 4.79
CA ILE A 151 -10.58 -2.92 4.37
C ILE A 151 -9.68 -2.63 5.58
N PHE A 152 -10.21 -1.88 6.56
CA PHE A 152 -9.41 -1.56 7.75
C PHE A 152 -9.09 -2.83 8.54
N GLU A 153 -10.04 -3.76 8.63
CA GLU A 153 -9.76 -5.03 9.31
C GLU A 153 -8.65 -5.80 8.61
N ARG A 154 -8.64 -5.78 7.27
CA ARG A 154 -7.53 -6.39 6.49
C ARG A 154 -6.20 -5.76 6.88
N TYR A 155 -6.17 -4.43 6.93
CA TYR A 155 -4.95 -3.71 7.29
C TYR A 155 -4.44 -4.09 8.69
N LYS A 156 -5.33 -4.08 9.67
CA LYS A 156 -4.98 -4.44 11.05
C LYS A 156 -4.47 -5.88 11.12
N SER A 157 -5.09 -6.80 10.37
CA SER A 157 -4.66 -8.20 10.42
CA SER A 157 -4.67 -8.21 10.42
C SER A 157 -3.23 -8.34 9.94
N VAL A 158 -2.89 -7.62 8.88
CA VAL A 158 -1.51 -7.67 8.33
C VAL A 158 -0.56 -7.04 9.33
N ILE A 159 -0.92 -5.89 9.90
CA ILE A 159 -0.11 -5.26 10.98
C ILE A 159 0.13 -6.21 12.14
N ASP A 160 -0.91 -6.91 12.56
CA ASP A 160 -0.72 -7.80 13.70
C ASP A 160 0.05 -9.04 13.37
N ALA A 161 0.02 -9.41 12.09
CA ALA A 161 0.75 -10.59 11.62
C ALA A 161 2.26 -10.33 11.48
N MET A 162 2.62 -9.09 11.16
CA MET A 162 3.99 -8.79 10.66
C MET A 162 4.85 -7.83 11.52
N SER A 163 4.25 -7.20 12.53
CA SER A 163 4.93 -6.13 13.26
C SER A 163 6.01 -6.58 14.27
N SER A 164 6.03 -7.87 14.59
CA SER A 164 7.01 -8.40 15.56
C SER A 164 8.43 -8.48 15.00
N PHE A 165 8.58 -8.35 13.68
CA PHE A 165 9.85 -8.53 13.00
C PHE A 165 10.60 -7.21 12.86
N PRO A 166 11.80 -7.11 13.46
CA PRO A 166 12.64 -5.92 13.36
C PRO A 166 12.98 -5.58 11.92
N ASN A 167 12.98 -6.59 11.04
CA ASN A 167 13.32 -6.34 9.63
C ASN A 167 12.13 -5.98 8.74
N LEU A 168 10.99 -5.69 9.37
CA LEU A 168 9.87 -5.11 8.65
C LEU A 168 10.16 -3.62 8.52
N LEU A 169 10.57 -3.21 7.33
CA LEU A 169 11.03 -1.85 7.10
C LEU A 169 9.87 -0.85 7.19
N GLY A 170 8.77 -1.14 6.52
CA GLY A 170 7.63 -0.23 6.46
C GLY A 170 6.44 -0.88 5.76
N TYR A 171 5.26 -0.28 5.94
CA TYR A 171 4.01 -0.74 5.29
C TYR A 171 3.51 0.31 4.32
N PHE A 172 2.99 -0.14 3.18
CA PHE A 172 2.32 0.75 2.26
C PHE A 172 0.82 0.68 2.52
N ALA A 173 0.21 1.85 2.72
CA ALA A 173 -1.25 1.91 2.96
C ALA A 173 -2.03 1.99 1.65
N GLY A 174 -1.29 2.06 0.54
CA GLY A 174 -1.86 1.98 -0.80
C GLY A 174 -0.81 1.96 -1.88
N ASN A 175 -1.21 1.52 -3.06
CA ASN A 175 -0.32 1.45 -4.20
C ASN A 175 -1.04 1.91 -5.45
N GLU A 176 -0.63 3.05 -6.01
CA GLU A 176 -1.18 3.58 -7.28
C GLU A 176 -2.71 3.55 -7.27
N VAL A 177 -3.31 4.12 -6.23
CA VAL A 177 -4.77 4.13 -6.12
C VAL A 177 -5.29 5.19 -7.10
N THR A 178 -5.17 6.48 -6.80
CA THR A 178 -5.23 7.46 -7.85
C THR A 178 -4.07 7.15 -8.81
N ASN A 179 -4.38 7.04 -10.10
CA ASN A 179 -3.33 6.84 -11.09
C ASN A 179 -3.39 7.81 -12.27
N ASP A 180 -4.44 8.62 -12.32
CA ASP A 180 -4.52 9.72 -13.29
C ASP A 180 -5.53 10.76 -12.83
N HIS A 181 -5.78 11.74 -13.70
CA HIS A 181 -6.63 12.89 -13.34
C HIS A 181 -8.11 12.53 -13.19
N THR A 182 -8.50 11.31 -13.57
CA THR A 182 -9.92 10.91 -13.50
C THR A 182 -10.31 10.26 -12.16
N ASN A 183 -9.34 9.97 -11.30
CA ASN A 183 -9.63 9.31 -10.04
C ASN A 183 -8.88 9.87 -8.83
N THR A 184 -8.58 11.18 -8.88
CA THR A 184 -7.86 11.81 -7.77
C THR A 184 -8.67 11.80 -6.48
N PHE A 185 -9.99 11.65 -6.59
CA PHE A 185 -10.87 11.67 -5.42
C PHE A 185 -10.74 10.39 -4.58
N ALA A 186 -9.91 9.45 -5.03
CA ALA A 186 -9.59 8.29 -4.20
C ALA A 186 -8.55 8.59 -3.11
N SER A 187 -7.73 9.62 -3.33
CA SER A 187 -6.60 9.88 -2.44
C SER A 187 -6.97 10.24 -0.99
N PRO A 188 -8.09 10.96 -0.75
CA PRO A 188 -8.49 11.18 0.65
C PRO A 188 -8.74 9.87 1.42
N PHE A 189 -9.22 8.84 0.71
CA PHE A 189 -9.46 7.55 1.36
C PHE A 189 -8.14 6.89 1.72
N VAL A 190 -7.15 7.03 0.83
CA VAL A 190 -5.80 6.53 1.12
C VAL A 190 -5.20 7.30 2.30
N LYS A 191 -5.35 8.62 2.32
CA LYS A 191 -4.86 9.38 3.46
C LYS A 191 -5.49 8.97 4.78
N ALA A 192 -6.80 8.79 4.81
CA ALA A 192 -7.47 8.27 6.00
C ALA A 192 -6.87 6.91 6.41
N ALA A 193 -6.58 6.04 5.44
CA ALA A 193 -5.97 4.73 5.74
C ALA A 193 -4.60 4.87 6.40
N ILE A 194 -3.81 5.81 5.88
CA ILE A 194 -2.49 6.12 6.47
C ILE A 194 -2.67 6.56 7.92
N ARG A 195 -3.56 7.53 8.14
CA ARG A 195 -3.88 8.01 9.49
C ARG A 195 -4.27 6.85 10.42
N ASP A 196 -5.22 6.06 9.99
CA ASP A 196 -5.74 4.99 10.83
C ASP A 196 -4.77 3.85 11.05
N ALA A 197 -4.02 3.46 10.02
CA ALA A 197 -2.93 2.48 10.21
C ALA A 197 -1.89 2.97 11.21
N LYS A 198 -1.45 4.22 11.08
CA LYS A 198 -0.45 4.79 12.02
C LYS A 198 -1.01 4.82 13.44
N GLU A 199 -2.29 5.18 13.60
CA GLU A 199 -2.86 5.28 14.95
C GLU A 199 -3.02 3.88 15.53
N TYR A 200 -3.41 2.93 14.68
CA TYR A 200 -3.58 1.55 15.14
C TYR A 200 -2.22 1.03 15.61
N ILE A 201 -1.19 1.29 14.84
CA ILE A 201 0.19 0.92 15.25
C ILE A 201 0.58 1.66 16.53
N SER A 202 0.28 2.96 16.60
CA SER A 202 0.66 3.77 17.78
C SER A 202 0.03 3.26 19.06
N HIS A 203 -1.24 2.84 18.98
CA HIS A 203 -1.98 2.37 20.14
C HIS A 203 -1.72 0.90 20.48
N SER A 204 -1.10 0.15 19.55
CA SER A 204 -0.68 -1.23 19.81
C SER A 204 0.62 -1.31 20.62
N ASN A 205 0.97 -2.51 21.08
CA ASN A 205 2.26 -2.78 21.71
C ASN A 205 3.47 -2.84 20.74
N HIS A 206 3.20 -2.81 19.44
CA HIS A 206 4.24 -3.03 18.43
C HIS A 206 5.22 -1.85 18.29
N ARG A 207 6.41 -2.14 17.75
CA ARG A 207 7.37 -1.11 17.33
C ARG A 207 6.62 -0.24 16.30
N LYS A 208 6.94 1.06 16.25
CA LYS A 208 6.18 1.99 15.42
C LYS A 208 6.69 1.98 13.99
N ILE A 209 6.39 0.88 13.31
CA ILE A 209 6.75 0.70 11.90
C ILE A 209 6.08 1.79 11.05
N PRO A 210 6.87 2.52 10.24
CA PRO A 210 6.26 3.60 9.43
C PRO A 210 5.30 3.10 8.37
N VAL A 211 4.37 3.98 8.00
CA VAL A 211 3.32 3.68 7.04
C VAL A 211 3.39 4.74 5.96
N GLY A 212 3.59 4.29 4.73
CA GLY A 212 3.74 5.19 3.60
C GLY A 212 2.82 4.87 2.44
N TYR A 213 3.19 5.38 1.26
CA TYR A 213 2.38 5.26 0.08
C TYR A 213 3.27 5.00 -1.14
N SER A 214 2.78 4.19 -2.07
CA SER A 214 3.49 3.95 -3.33
C SER A 214 2.65 4.48 -4.48
N THR A 215 3.27 5.29 -5.35
CA THR A 215 2.55 6.00 -6.40
C THR A 215 3.11 5.68 -7.80
N ASN A 216 2.30 5.95 -8.82
CA ASN A 216 2.78 5.79 -10.20
C ASN A 216 3.48 7.08 -10.67
N ASP A 217 3.68 7.26 -11.96
CA ASP A 217 4.49 8.37 -12.45
C ASP A 217 3.77 9.12 -13.57
N ASP A 218 2.48 9.38 -13.37
CA ASP A 218 1.64 10.10 -14.33
C ASP A 218 2.00 11.58 -14.24
N ALA A 219 2.45 12.16 -15.35
CA ALA A 219 2.88 13.56 -15.37
C ALA A 219 1.87 14.58 -14.86
N MET A 220 0.60 14.46 -15.26
CA MET A 220 -0.42 15.42 -14.86
C MET A 220 -0.74 15.40 -13.35
N THR A 221 -0.54 14.27 -12.67
CA THR A 221 -0.94 14.14 -11.26
C THR A 221 0.22 14.07 -10.25
N ARG A 222 1.43 13.82 -10.71
CA ARG A 222 2.48 13.49 -9.77
C ARG A 222 2.88 14.57 -8.79
N ASP A 223 2.91 15.82 -9.23
CA ASP A 223 3.23 16.91 -8.31
C ASP A 223 2.15 17.04 -7.23
N ASN A 224 0.88 17.05 -7.66
CA ASN A 224 -0.23 17.11 -6.71
C ASN A 224 -0.30 15.94 -5.75
N LEU A 225 -0.05 14.73 -6.26
CA LEU A 225 -0.06 13.59 -5.36
C LEU A 225 1.00 13.70 -4.28
N ALA A 226 2.21 14.10 -4.66
CA ALA A 226 3.32 14.16 -3.72
C ALA A 226 3.03 15.19 -2.60
N ARG A 227 2.55 16.36 -2.99
CA ARG A 227 2.18 17.40 -2.02
C ARG A 227 1.02 16.92 -1.12
N TYR A 228 0.02 16.30 -1.73
CA TYR A 228 -1.18 15.90 -1.00
C TYR A 228 -0.82 14.93 0.12
N PHE A 229 0.10 14.00 -0.16
CA PHE A 229 0.43 13.01 0.87
C PHE A 229 1.30 13.51 2.01
N VAL A 230 1.79 14.75 1.92
CA VAL A 230 2.41 15.43 3.06
C VAL A 230 1.69 16.72 3.51
N CYS A 231 0.47 16.95 3.02
CA CYS A 231 -0.25 18.18 3.35
C CYS A 231 -1.15 18.03 4.58
N GLY A 232 -1.55 19.15 5.17
CA GLY A 232 -2.45 19.14 6.32
C GLY A 232 -1.90 18.41 7.53
N ASP A 233 -2.79 17.71 8.25
CA ASP A 233 -2.47 17.13 9.55
C ASP A 233 -2.07 15.68 9.49
N VAL A 234 -2.28 15.04 8.34
CA VAL A 234 -2.02 13.62 8.19
C VAL A 234 -0.96 13.49 7.11
N LYS A 235 0.12 12.77 7.37
CA LYS A 235 1.16 12.64 6.36
C LYS A 235 1.59 11.20 6.24
N ALA A 236 1.92 10.77 5.02
CA ALA A 236 2.67 9.54 4.77
C ALA A 236 3.99 9.63 5.55
N ASP A 237 4.49 8.50 6.06
CA ASP A 237 5.82 8.50 6.69
C ASP A 237 6.96 8.46 5.69
N PHE A 238 6.67 7.87 4.52
CA PHE A 238 7.62 7.78 3.40
C PHE A 238 6.86 7.66 2.09
N TYR A 239 7.56 7.83 0.97
CA TYR A 239 6.89 7.96 -0.29
C TYR A 239 7.70 7.22 -1.34
N GLY A 240 7.08 6.22 -1.97
CA GLY A 240 7.75 5.44 -3.01
C GLY A 240 7.13 5.72 -4.36
N ILE A 241 7.97 5.85 -5.39
CA ILE A 241 7.46 6.08 -6.74
C ILE A 241 7.84 4.93 -7.65
N ASN A 242 6.85 4.46 -8.41
CA ASN A 242 7.08 3.45 -9.43
C ASN A 242 7.66 4.16 -10.64
N MET A 243 8.98 4.05 -10.76
CA MET A 243 9.78 4.91 -11.64
C MET A 243 10.37 4.15 -12.83
N TYR A 244 9.79 4.35 -14.00
CA TYR A 244 10.25 3.65 -15.23
C TYR A 244 10.81 4.57 -16.34
N GLU A 245 11.18 5.78 -15.97
CA GLU A 245 11.65 6.79 -16.94
C GLU A 245 12.96 6.45 -17.64
N TRP A 246 13.82 5.70 -16.95
CA TRP A 246 15.12 5.32 -17.52
C TRP A 246 15.03 3.97 -18.22
N CYS A 247 15.19 3.99 -19.55
CA CYS A 247 15.11 2.76 -20.33
C CYS A 247 16.40 2.56 -21.08
N GLY A 248 16.94 1.35 -21.07
CA GLY A 248 18.15 1.06 -21.83
C GLY A 248 19.31 1.90 -21.35
N TYR A 249 20.19 2.27 -22.26
CA TYR A 249 21.42 2.99 -21.88
C TYR A 249 21.16 4.50 -21.87
N SER A 250 20.36 4.93 -20.88
CA SER A 250 19.97 6.32 -20.78
C SER A 250 20.99 7.09 -19.93
N THR A 251 20.67 8.32 -19.57
CA THR A 251 21.54 9.11 -18.70
C THR A 251 20.74 9.86 -17.65
N TYR A 252 21.46 10.33 -16.64
CA TYR A 252 20.87 11.14 -15.57
C TYR A 252 20.06 12.33 -16.12
N GLY A 253 20.64 13.10 -17.02
CA GLY A 253 19.93 14.20 -17.61
C GLY A 253 18.81 13.84 -18.56
N THR A 254 19.07 12.94 -19.48
CA THR A 254 18.08 12.68 -20.50
C THR A 254 16.91 11.80 -20.05
N SER A 255 17.14 10.96 -19.05
CA SER A 255 16.10 10.05 -18.58
C SER A 255 14.94 10.77 -17.95
N GLY A 256 15.24 11.88 -17.29
CA GLY A 256 14.26 12.59 -16.51
C GLY A 256 14.69 12.57 -15.05
N TYR A 257 15.67 11.75 -14.73
CA TYR A 257 16.07 11.55 -13.35
C TYR A 257 16.55 12.83 -12.72
N ARG A 258 17.21 13.67 -13.50
CA ARG A 258 17.68 14.91 -12.96
C ARG A 258 16.50 15.81 -12.63
N GLU A 259 15.49 15.82 -13.48
CA GLU A 259 14.30 16.62 -13.23
C GLU A 259 13.52 16.14 -12.00
N ARG A 260 13.39 14.81 -11.85
CA ARG A 260 12.72 14.24 -10.66
C ARG A 260 13.49 14.55 -9.38
N THR A 261 14.81 14.51 -9.47
CA THR A 261 15.66 14.77 -8.33
C THR A 261 15.49 16.22 -7.87
N LYS A 262 15.58 17.17 -8.79
CA LYS A 262 15.29 18.57 -8.46
C LYS A 262 13.88 18.76 -7.85
N GLU A 263 12.88 18.10 -8.42
CA GLU A 263 11.51 18.20 -7.89
C GLU A 263 11.37 17.73 -6.44
N PHE A 264 12.03 16.63 -6.08
CA PHE A 264 11.91 16.10 -4.74
C PHE A 264 12.94 16.62 -3.74
N GLU A 265 13.86 17.47 -4.20
CA GLU A 265 14.82 18.10 -3.30
C GLU A 265 14.08 18.82 -2.15
N GLY A 266 14.38 18.47 -0.91
CA GLY A 266 13.72 19.09 0.24
C GLY A 266 12.37 18.51 0.65
N TYR A 267 11.84 17.54 -0.11
CA TYR A 267 10.60 16.87 0.27
C TYR A 267 10.76 16.33 1.70
N PRO A 268 9.75 16.56 2.57
CA PRO A 268 9.95 16.38 4.02
C PRO A 268 10.01 14.94 4.58
N ILE A 269 9.73 13.94 3.74
CA ILE A 269 9.74 12.53 4.12
C ILE A 269 10.63 11.72 3.17
N PRO A 270 11.16 10.55 3.63
CA PRO A 270 12.05 9.77 2.77
C PRO A 270 11.34 9.40 1.49
N VAL A 271 12.08 9.47 0.39
CA VAL A 271 11.51 9.16 -0.91
C VAL A 271 12.43 8.16 -1.61
N PHE A 272 11.84 7.24 -2.37
CA PHE A 272 12.61 6.20 -3.07
C PHE A 272 11.84 5.67 -4.26
N PHE A 273 12.52 4.87 -5.09
CA PHE A 273 11.87 4.22 -6.21
C PHE A 273 11.28 2.92 -5.68
N SER A 274 9.96 2.89 -5.50
CA SER A 274 9.31 1.68 -5.02
C SER A 274 9.33 0.59 -6.11
N GLU A 275 9.48 0.99 -7.37
CA GLU A 275 9.79 0.09 -8.50
C GLU A 275 10.73 0.85 -9.43
N PHE A 276 11.64 0.13 -10.08
CA PHE A 276 12.32 0.62 -11.27
C PHE A 276 12.69 -0.56 -12.14
N GLY A 277 13.03 -0.28 -13.39
CA GLY A 277 13.53 -1.31 -14.30
C GLY A 277 12.73 -1.44 -15.59
N CYS A 278 12.59 -0.32 -16.30
CA CYS A 278 12.00 -0.29 -17.63
C CYS A 278 12.68 -1.36 -18.48
N ASN A 279 11.87 -2.19 -19.15
CA ASN A 279 12.36 -3.34 -19.89
C ASN A 279 12.33 -3.14 -21.41
N LEU A 280 12.21 -1.89 -21.84
CA LEU A 280 12.16 -1.59 -23.28
C LEU A 280 13.36 -2.21 -24.01
N VAL A 281 14.55 -2.03 -23.44
CA VAL A 281 15.79 -2.57 -24.01
C VAL A 281 16.26 -3.72 -23.13
N ARG A 282 16.51 -4.88 -23.76
CA ARG A 282 16.95 -6.05 -23.02
C ARG A 282 18.27 -6.63 -23.56
N PRO A 283 18.98 -7.41 -22.73
CA PRO A 283 18.75 -7.58 -21.30
C PRO A 283 18.92 -6.24 -20.60
N ARG A 284 18.13 -5.99 -19.58
CA ARG A 284 18.18 -4.71 -18.90
C ARG A 284 19.61 -4.49 -18.34
N PRO A 285 20.27 -3.39 -18.76
CA PRO A 285 21.59 -3.14 -18.21
C PRO A 285 21.54 -2.57 -16.79
N PHE A 286 20.39 -2.04 -16.41
CA PHE A 286 20.18 -1.41 -15.09
C PHE A 286 21.19 -0.29 -14.76
N THR A 287 21.58 0.51 -15.77
CA THR A 287 22.54 1.59 -15.54
C THR A 287 21.95 2.72 -14.69
N GLU A 288 20.63 2.70 -14.48
CA GLU A 288 19.98 3.69 -13.63
C GLU A 288 20.47 3.57 -12.18
N VAL A 289 20.92 2.36 -11.82
CA VAL A 289 21.38 2.03 -10.49
C VAL A 289 22.66 2.84 -10.19
N SER A 290 23.53 2.98 -11.18
CA SER A 290 24.71 3.86 -11.08
C SER A 290 24.32 5.30 -10.77
N ALA A 291 23.24 5.81 -11.38
CA ALA A 291 22.77 7.17 -11.11
C ALA A 291 22.11 7.29 -9.74
N LEU A 292 21.19 6.36 -9.43
CA LEU A 292 20.43 6.38 -8.18
C LEU A 292 21.27 6.44 -6.91
N TYR A 293 22.40 5.74 -6.93
CA TYR A 293 23.27 5.66 -5.74
C TYR A 293 24.48 6.57 -5.87
N GLY A 294 24.56 7.31 -6.98
CA GLY A 294 25.65 8.27 -7.21
C GLY A 294 25.42 9.52 -6.39
N ASN A 295 26.40 10.43 -6.39
CA ASN A 295 26.38 11.56 -5.45
C ASN A 295 25.16 12.47 -5.48
N LYS A 296 24.76 12.93 -6.66
CA LYS A 296 23.59 13.83 -6.79
C LYS A 296 22.28 13.23 -6.28
N MET A 297 21.98 12.02 -6.71
CA MET A 297 20.74 11.36 -6.28
C MET A 297 20.76 10.82 -4.85
N SER A 298 21.93 10.45 -4.34
CA SER A 298 22.07 9.91 -2.99
CA SER A 298 22.04 9.90 -2.98
C SER A 298 21.68 10.91 -1.90
N SER A 299 21.76 12.20 -2.23
CA SER A 299 21.42 13.23 -1.25
C SER A 299 19.91 13.43 -1.15
N VAL A 300 19.17 12.95 -2.15
CA VAL A 300 17.72 13.11 -2.24
C VAL A 300 16.98 11.77 -2.04
N TRP A 301 17.38 10.76 -2.80
CA TRP A 301 16.65 9.50 -2.84
C TRP A 301 17.22 8.51 -1.83
N SER A 302 16.33 7.69 -1.26
CA SER A 302 16.74 6.64 -0.32
C SER A 302 16.88 5.26 -1.01
N GLY A 303 17.18 5.28 -2.31
CA GLY A 303 17.38 4.04 -3.07
C GLY A 303 16.14 3.60 -3.84
N GLY A 304 16.00 2.29 -4.03
CA GLY A 304 14.87 1.79 -4.78
C GLY A 304 14.88 0.28 -4.91
N LEU A 305 13.79 -0.24 -5.47
CA LEU A 305 13.62 -1.69 -5.64
C LEU A 305 13.34 -2.02 -7.09
N ALA A 306 14.14 -2.93 -7.63
CA ALA A 306 14.00 -3.33 -9.02
C ALA A 306 12.72 -4.16 -9.13
N TYR A 307 12.05 -4.06 -10.26
CA TYR A 307 10.87 -4.88 -10.52
C TYR A 307 11.18 -5.87 -11.65
N MET A 308 11.24 -7.19 -11.38
CA MET A 308 11.10 -7.84 -10.07
C MET A 308 11.87 -9.19 -10.11
N TYR A 309 11.78 -9.96 -9.02
CA TYR A 309 12.46 -11.25 -8.96
C TYR A 309 11.92 -12.26 -9.97
N PHE A 310 10.62 -12.55 -9.92
CA PHE A 310 10.02 -13.62 -10.73
C PHE A 310 9.63 -13.16 -12.11
N GLU A 311 9.96 -14.00 -13.09
CA GLU A 311 9.57 -13.80 -14.47
C GLU A 311 8.18 -14.37 -14.62
N GLU A 312 7.24 -13.54 -15.08
CA GLU A 312 5.86 -13.97 -15.29
C GLU A 312 5.30 -13.66 -16.68
N GLU A 313 6.05 -14.03 -17.71
CA GLU A 313 5.61 -13.92 -19.11
C GLU A 313 5.34 -12.45 -19.45
N ASN A 314 6.06 -11.59 -18.75
CA ASN A 314 5.90 -10.14 -18.82
C ASN A 314 7.26 -9.50 -19.08
N GLU A 315 8.27 -10.37 -19.15
CA GLU A 315 9.67 -9.98 -19.32
C GLU A 315 10.11 -8.94 -18.27
N TYR A 316 9.72 -9.14 -17.00
CA TYR A 316 10.23 -8.32 -15.91
C TYR A 316 11.08 -9.06 -14.86
N GLY A 317 11.21 -10.36 -15.00
CA GLY A 317 11.93 -11.17 -14.02
C GLY A 317 13.43 -11.18 -14.22
N VAL A 318 14.16 -11.48 -13.15
CA VAL A 318 15.60 -11.79 -13.24
C VAL A 318 15.86 -13.32 -13.09
N VAL A 319 14.82 -14.05 -12.65
CA VAL A 319 14.83 -15.50 -12.65
C VAL A 319 13.50 -16.03 -13.16
N LYS A 320 13.54 -17.27 -13.61
CA LYS A 320 12.32 -17.95 -14.04
C LYS A 320 12.26 -19.26 -13.28
N ILE A 321 11.12 -19.56 -12.68
CA ILE A 321 10.97 -20.85 -12.01
C ILE A 321 10.65 -21.89 -13.08
N ASN A 322 11.51 -22.89 -13.21
CA ASN A 322 11.32 -23.96 -14.20
C ASN A 322 10.21 -24.95 -13.81
N ASP A 323 10.01 -25.95 -14.66
CA ASP A 323 9.01 -26.99 -14.44
C ASP A 323 9.33 -27.91 -13.25
N ASN A 324 10.60 -27.90 -12.84
CA ASN A 324 11.05 -28.69 -11.70
C ASN A 324 11.02 -27.87 -10.40
N ASP A 325 10.41 -26.69 -10.48
CA ASP A 325 10.37 -25.71 -9.37
C ASP A 325 11.73 -25.15 -8.97
N GLY A 326 12.73 -25.31 -9.83
CA GLY A 326 14.03 -24.71 -9.58
C GLY A 326 14.15 -23.32 -10.17
N VAL A 327 15.23 -22.64 -9.81
CA VAL A 327 15.48 -21.27 -10.26
C VAL A 327 16.41 -21.30 -11.47
N ASP A 328 15.93 -20.72 -12.58
CA ASP A 328 16.74 -20.54 -13.77
C ASP A 328 17.09 -19.05 -13.82
N ILE A 329 18.38 -18.73 -13.71
CA ILE A 329 18.84 -17.34 -13.74
C ILE A 329 18.72 -16.78 -15.16
N LEU A 330 18.14 -15.58 -15.30
CA LEU A 330 17.93 -14.96 -16.63
C LEU A 330 18.99 -13.87 -16.93
N PRO A 331 19.15 -13.47 -18.24
CA PRO A 331 20.24 -12.54 -18.60
C PRO A 331 20.33 -11.22 -17.79
N ASP A 332 19.19 -10.73 -17.31
CA ASP A 332 19.13 -9.51 -16.47
C ASP A 332 19.84 -9.63 -15.13
N PHE A 333 19.87 -10.86 -14.60
CA PHE A 333 20.33 -11.13 -13.23
C PHE A 333 21.73 -10.60 -13.01
N LYS A 334 22.67 -10.97 -13.89
CA LYS A 334 24.07 -10.56 -13.75
C LYS A 334 24.25 -9.04 -13.82
N ASN A 335 23.42 -8.37 -14.63
CA ASN A 335 23.52 -6.91 -14.74
C ASN A 335 23.06 -6.20 -13.47
N LEU A 336 21.94 -6.65 -12.91
CA LEU A 336 21.46 -6.12 -11.62
C LEU A 336 22.47 -6.40 -10.51
N LYS A 337 22.97 -7.63 -10.45
CA LYS A 337 24.00 -8.02 -9.47
C LYS A 337 25.25 -7.12 -9.54
N LYS A 338 25.78 -6.91 -10.75
CA LYS A 338 26.98 -6.07 -10.91
C LYS A 338 26.72 -4.60 -10.55
N GLU A 339 25.56 -4.09 -10.92
CA GLU A 339 25.22 -2.70 -10.62
C GLU A 339 25.07 -2.46 -9.11
N PHE A 340 24.29 -3.31 -8.42
CA PHE A 340 24.17 -3.23 -6.95
C PHE A 340 25.52 -3.40 -6.24
N ALA A 341 26.36 -4.28 -6.78
CA ALA A 341 27.70 -4.54 -6.21
C ALA A 341 28.58 -3.29 -6.26
N LYS A 342 28.40 -2.49 -7.31
CA LYS A 342 29.16 -1.28 -7.55
C LYS A 342 28.62 -0.11 -6.75
N ALA A 343 27.31 -0.16 -6.45
CA ALA A 343 26.61 0.95 -5.81
C ALA A 343 27.04 1.18 -4.35
N ASP A 344 27.63 2.34 -4.11
CA ASP A 344 28.18 2.69 -2.80
C ASP A 344 27.67 4.09 -2.42
N PRO A 345 26.39 4.21 -2.03
CA PRO A 345 25.85 5.55 -1.79
C PRO A 345 26.55 6.21 -0.62
N LYS A 346 26.93 7.47 -0.80
CA LYS A 346 27.53 8.23 0.29
C LYS A 346 26.41 8.98 0.96
N GLY A 347 26.09 8.56 2.18
CA GLY A 347 25.02 9.17 2.92
C GLY A 347 25.52 10.07 4.03
N ILE A 348 24.60 10.51 4.88
CA ILE A 348 24.96 11.28 6.06
C ILE A 348 24.43 10.59 7.31
N THR A 349 25.18 10.71 8.40
CA THR A 349 24.85 10.02 9.63
C THR A 349 23.72 10.74 10.35
N GLU A 350 23.03 10.01 11.20
CA GLU A 350 21.89 10.54 11.93
C GLU A 350 22.23 11.78 12.76
N GLU A 351 23.38 11.73 13.43
CA GLU A 351 23.80 12.78 14.33
C GLU A 351 24.09 14.06 13.54
N GLU A 352 24.78 13.92 12.41
CA GLU A 352 25.11 15.09 11.60
C GLU A 352 23.92 15.67 10.85
N TYR A 353 22.99 14.80 10.47
CA TYR A 353 21.74 15.24 9.86
C TYR A 353 20.93 16.06 10.86
N LEU A 354 20.87 15.60 12.11
CA LEU A 354 20.13 16.29 13.16
C LEU A 354 20.65 17.71 13.43
N THR A 355 21.97 17.87 13.38
CA THR A 355 22.60 19.17 13.64
C THR A 355 22.76 19.99 12.36
N ALA A 356 21.99 19.61 11.34
CA ALA A 356 21.91 20.37 10.08
C ALA A 356 20.60 21.15 10.00
N LYS A 357 19.50 20.44 10.28
CA LYS A 357 18.14 20.97 10.19
C LYS A 357 17.87 22.13 11.17
N SER A 364 3.04 23.60 8.37
CA SER A 364 2.05 22.79 7.69
C SER A 364 2.12 23.00 6.17
N VAL A 365 2.05 21.91 5.41
CA VAL A 365 2.07 21.99 3.93
C VAL A 365 0.64 22.24 3.45
N GLU A 366 0.46 23.25 2.59
CA GLU A 366 -0.84 23.54 1.99
C GLU A 366 -1.24 22.38 1.06
N CYS A 367 -2.50 21.94 1.17
CA CYS A 367 -3.01 20.91 0.28
C CYS A 367 -3.29 21.54 -1.08
N PRO A 368 -3.02 20.80 -2.17
CA PRO A 368 -3.30 21.36 -3.50
C PRO A 368 -4.76 21.77 -3.63
N HIS A 369 -5.00 22.91 -4.27
CA HIS A 369 -6.36 23.39 -4.46
C HIS A 369 -7.14 22.48 -5.41
N ILE A 370 -8.46 22.49 -5.29
CA ILE A 370 -9.31 21.66 -6.13
C ILE A 370 -9.57 22.34 -7.49
N ALA A 371 -9.50 21.57 -8.56
CA ALA A 371 -9.82 22.05 -9.90
C ALA A 371 -10.48 20.91 -10.67
N VAL A 372 -11.68 21.16 -11.19
CA VAL A 372 -12.50 20.10 -11.80
C VAL A 372 -11.75 19.44 -12.98
N GLY A 373 -11.74 18.10 -12.97
CA GLY A 373 -11.07 17.34 -14.04
C GLY A 373 -9.56 17.27 -13.89
N VAL A 374 -9.04 17.83 -12.81
CA VAL A 374 -7.59 17.97 -12.68
C VAL A 374 -7.14 17.49 -11.30
N TRP A 375 -7.74 18.07 -10.26
CA TRP A 375 -7.40 17.66 -8.91
C TRP A 375 -8.61 17.79 -8.01
N GLU A 376 -9.09 16.65 -7.53
CA GLU A 376 -10.37 16.56 -6.83
C GLU A 376 -10.24 15.79 -5.52
N ALA A 377 -9.11 15.95 -4.83
CA ALA A 377 -8.90 15.27 -3.55
C ALA A 377 -9.10 16.31 -2.42
N ASN A 378 -10.25 16.22 -1.74
CA ASN A 378 -10.56 17.12 -0.63
C ASN A 378 -9.57 16.98 0.53
N GLU A 379 -9.26 18.08 1.20
CA GLU A 379 -8.40 17.99 2.39
C GLU A 379 -9.10 17.22 3.52
N LYS A 380 -10.43 17.30 3.57
CA LYS A 380 -11.21 16.64 4.61
C LYS A 380 -11.32 15.16 4.32
N LEU A 381 -10.97 14.35 5.32
CA LEU A 381 -10.81 12.91 5.15
C LEU A 381 -11.97 12.15 5.75
N PRO A 382 -12.25 10.95 5.20
CA PRO A 382 -13.28 10.13 5.83
C PRO A 382 -12.89 9.73 7.26
N GLU A 383 -13.92 9.41 8.04
CA GLU A 383 -13.75 9.06 9.46
CA GLU A 383 -13.83 9.03 9.44
C GLU A 383 -13.07 7.70 9.61
N THR A 384 -12.56 7.45 10.82
CA THR A 384 -12.00 6.15 11.16
C THR A 384 -13.14 5.11 11.19
N PRO A 385 -13.01 4.04 10.39
CA PRO A 385 -14.07 3.05 10.40
C PRO A 385 -14.29 2.47 11.80
N ASP A 386 -15.56 2.36 12.18
CA ASP A 386 -15.95 1.97 13.52
C ASP A 386 -16.63 0.60 13.53
N ARG A 387 -15.84 -0.43 13.82
CA ARG A 387 -16.34 -1.81 13.80
C ARG A 387 -17.53 -2.02 14.73
N SER A 388 -17.56 -1.30 15.85
CA SER A 388 -18.60 -1.50 16.86
C SER A 388 -19.91 -0.86 16.46
N LYS A 389 -19.81 0.34 15.89
CA LYS A 389 -20.95 1.02 15.32
C LYS A 389 -21.56 0.16 14.22
N CYS A 390 -20.72 -0.26 13.29
CA CYS A 390 -21.19 -1.04 12.14
C CYS A 390 -21.74 -2.41 12.56
N ALA A 391 -21.06 -3.06 13.51
CA ALA A 391 -21.53 -4.33 14.08
C ALA A 391 -22.95 -4.24 14.68
N CYS A 392 -23.33 -3.04 15.11
CA CYS A 392 -24.68 -2.75 15.61
C CYS A 392 -25.74 -2.92 14.53
N LEU A 393 -25.40 -2.58 13.29
CA LEU A 393 -26.28 -2.83 12.16
C LEU A 393 -26.56 -4.34 12.00
N ASP A 394 -25.52 -5.16 12.15
CA ASP A 394 -25.65 -6.62 12.04
C ASP A 394 -26.67 -7.17 13.03
N GLU A 395 -26.81 -6.47 14.16
CA GLU A 395 -27.58 -6.96 15.31
C GLU A 395 -29.01 -6.43 15.36
N ILE A 396 -29.18 -5.14 15.04
CA ILE A 396 -30.48 -4.50 15.24
C ILE A 396 -31.32 -4.34 13.97
N LEU A 397 -30.71 -4.35 12.79
CA LEU A 397 -31.46 -4.14 11.55
C LEU A 397 -32.45 -5.27 11.32
N PRO A 398 -33.70 -4.94 10.95
CA PRO A 398 -34.67 -6.02 10.63
C PRO A 398 -34.33 -6.78 9.36
N CYS A 399 -33.75 -6.11 8.38
CA CYS A 399 -33.46 -6.72 7.08
C CYS A 399 -31.99 -6.66 6.74
N GLU A 400 -31.45 -7.81 6.36
CA GLU A 400 -30.02 -7.96 6.13
C GLU A 400 -29.68 -8.67 4.83
N ILE A 401 -28.50 -8.36 4.31
CA ILE A 401 -27.93 -9.04 3.15
C ILE A 401 -26.60 -9.67 3.55
N VAL A 402 -26.48 -10.97 3.31
CA VAL A 402 -25.27 -11.69 3.70
C VAL A 402 -24.16 -11.42 2.70
N PRO A 403 -22.90 -11.43 3.17
CA PRO A 403 -21.80 -11.44 2.21
C PRO A 403 -21.81 -12.74 1.39
N PHE A 404 -22.25 -13.85 2.03
CA PHE A 404 -22.18 -15.20 1.47
C PHE A 404 -23.09 -15.37 0.24
N GLY A 409 -21.61 -7.54 -9.76
CA GLY A 409 -22.83 -7.29 -10.52
C GLY A 409 -24.01 -7.02 -9.61
N LYS A 410 -24.11 -7.81 -8.54
CA LYS A 410 -25.25 -7.75 -7.60
C LYS A 410 -25.36 -6.41 -6.85
N TYR A 411 -24.24 -5.92 -6.31
CA TYR A 411 -24.21 -4.71 -5.50
C TYR A 411 -24.79 -3.50 -6.22
N GLU A 412 -24.26 -3.25 -7.43
CA GLU A 412 -24.63 -2.08 -8.23
C GLU A 412 -26.12 -2.01 -8.49
N GLU A 413 -26.68 -3.16 -8.88
CA GLU A 413 -28.09 -3.27 -9.20
C GLU A 413 -28.95 -2.99 -7.96
N TYR A 414 -28.55 -3.56 -6.82
CA TYR A 414 -29.28 -3.38 -5.59
C TYR A 414 -29.18 -1.97 -5.01
N PHE A 415 -28.03 -1.34 -5.16
CA PHE A 415 -27.90 0.07 -4.76
C PHE A 415 -28.80 0.98 -5.60
N SER A 416 -28.74 0.82 -6.93
CA SER A 416 -29.62 1.56 -7.83
C SER A 416 -31.09 1.41 -7.45
N TYR A 417 -31.51 0.17 -7.21
CA TYR A 417 -32.90 -0.09 -6.80
C TYR A 417 -33.24 0.58 -5.47
N LEU A 418 -32.42 0.32 -4.45
CA LEU A 418 -32.75 0.79 -3.09
C LEU A 418 -32.64 2.29 -2.97
N CYS A 419 -31.57 2.85 -3.55
CA CYS A 419 -31.27 4.28 -3.44
C CYS A 419 -32.21 5.16 -4.28
N SER A 420 -33.10 4.51 -5.03
CA SER A 420 -34.16 5.22 -5.73
C SER A 420 -35.42 5.20 -4.90
N LYS A 421 -35.42 4.37 -3.85
CA LYS A 421 -36.59 4.25 -2.99
C LYS A 421 -36.37 4.94 -1.65
N VAL A 422 -35.13 4.91 -1.15
CA VAL A 422 -34.78 5.61 0.09
C VAL A 422 -33.55 6.50 -0.12
N ASP A 423 -33.33 7.43 0.82
CA ASP A 423 -32.19 8.35 0.75
C ASP A 423 -30.90 7.68 1.21
N CYS A 424 -29.97 7.46 0.29
CA CYS A 424 -28.73 6.77 0.62
C CYS A 424 -27.61 7.68 1.06
N SER A 425 -27.92 8.94 1.39
CA SER A 425 -26.85 9.88 1.79
C SER A 425 -25.98 9.32 2.90
N ASP A 426 -26.60 8.60 3.84
CA ASP A 426 -25.87 8.11 5.01
C ASP A 426 -24.81 7.05 4.74
N ILE A 427 -24.75 6.55 3.51
CA ILE A 427 -23.69 5.59 3.14
C ILE A 427 -22.81 6.05 1.98
N LEU A 428 -23.07 7.24 1.46
CA LEU A 428 -22.26 7.81 0.37
C LEU A 428 -20.98 8.37 0.93
N ALA A 429 -19.91 8.29 0.16
CA ALA A 429 -18.61 8.88 0.55
C ALA A 429 -18.09 9.63 -0.66
N ASN A 430 -17.89 10.94 -0.50
CA ASN A 430 -17.48 11.76 -1.62
C ASN A 430 -16.12 12.40 -1.34
N GLY A 431 -15.08 11.88 -2.00
CA GLY A 431 -13.72 12.40 -1.78
C GLY A 431 -13.44 13.73 -2.45
N LYS A 432 -14.31 14.13 -3.36
CA LYS A 432 -14.19 15.41 -4.04
C LYS A 432 -14.66 16.59 -3.12
N THR A 433 -15.81 16.38 -2.50
CA THR A 433 -16.46 17.43 -1.71
C THR A 433 -16.16 17.25 -0.25
N GLY A 434 -15.55 16.11 0.10
CA GLY A 434 -15.23 15.82 1.50
C GLY A 434 -16.46 15.64 2.38
N GLU A 435 -17.50 15.01 1.82
CA GLU A 435 -18.71 14.69 2.53
C GLU A 435 -18.87 13.19 2.63
N TYR A 436 -18.96 12.71 3.86
CA TYR A 436 -18.93 11.28 4.14
C TYR A 436 -20.10 10.96 5.03
N GLY A 437 -20.97 10.07 4.57
CA GLY A 437 -22.21 9.78 5.32
C GLY A 437 -21.87 9.01 6.60
N GLU A 438 -22.79 9.05 7.56
CA GLU A 438 -22.57 8.50 8.89
C GLU A 438 -22.18 7.03 8.88
N PHE A 439 -22.76 6.25 7.97
CA PHE A 439 -22.41 4.83 7.90
C PHE A 439 -21.62 4.48 6.65
N SER A 440 -20.98 5.47 6.06
CA SER A 440 -20.22 5.24 4.85
C SER A 440 -18.96 4.39 5.13
N ASP A 441 -18.63 4.22 6.41
CA ASP A 441 -17.46 3.42 6.83
C ASP A 441 -17.82 1.95 7.12
N CYS A 442 -19.09 1.60 6.97
CA CYS A 442 -19.49 0.22 7.22
C CYS A 442 -19.20 -0.62 5.98
N SER A 443 -19.34 -1.95 6.09
CA SER A 443 -19.05 -2.81 4.95
C SER A 443 -20.14 -2.64 3.90
N VAL A 444 -19.84 -3.00 2.66
CA VAL A 444 -20.84 -2.90 1.59
C VAL A 444 -22.17 -3.59 1.95
N GLU A 445 -22.10 -4.78 2.56
CA GLU A 445 -23.31 -5.52 2.93
C GLU A 445 -24.09 -4.82 4.03
N GLN A 446 -23.36 -4.24 4.98
CA GLN A 446 -24.00 -3.48 6.07
C GLN A 446 -24.70 -2.22 5.52
N LYS A 447 -24.05 -1.58 4.57
CA LYS A 447 -24.62 -0.39 3.94
C LYS A 447 -25.88 -0.74 3.18
N LEU A 448 -25.81 -1.83 2.42
CA LEU A 448 -27.01 -2.34 1.73
C LEU A 448 -28.12 -2.72 2.70
N SER A 449 -27.79 -3.44 3.77
CA SER A 449 -28.80 -3.90 4.75
C SER A 449 -29.50 -2.69 5.37
N LEU A 450 -28.75 -1.62 5.64
CA LEU A 450 -29.34 -0.42 6.22
C LEU A 450 -30.46 0.14 5.34
N GLN A 451 -30.18 0.26 4.04
CA GLN A 451 -31.13 0.83 3.10
C GLN A 451 -32.30 -0.12 2.96
N LEU A 452 -31.99 -1.41 2.90
CA LEU A 452 -33.05 -2.42 2.86
C LEU A 452 -33.99 -2.28 4.05
N SER A 453 -33.45 -2.18 5.26
CA SER A 453 -34.24 -2.02 6.48
C SER A 453 -35.03 -0.70 6.49
N LYS A 454 -34.43 0.38 6.00
CA LYS A 454 -35.15 1.65 5.87
C LYS A 454 -36.40 1.48 5.01
N LEU A 455 -36.22 0.86 3.84
CA LEU A 455 -37.36 0.57 2.94
C LEU A 455 -38.45 -0.26 3.66
N TYR A 456 -38.01 -1.32 4.34
CA TYR A 456 -38.89 -2.19 5.11
C TYR A 456 -39.69 -1.41 6.15
N CYS A 457 -39.03 -0.49 6.88
CA CYS A 457 -39.72 0.33 7.86
C CYS A 457 -40.62 1.38 7.22
N LYS A 458 -40.19 1.91 6.08
CA LYS A 458 -40.99 2.85 5.30
C LYS A 458 -42.30 2.19 4.83
N ILE A 459 -42.19 0.97 4.29
CA ILE A 459 -43.38 0.19 3.92
C ILE A 459 -44.27 -0.01 5.14
N GLY A 460 -43.67 -0.46 6.24
CA GLY A 460 -44.36 -0.58 7.53
C GLY A 460 -45.37 -1.71 7.59
N ALA A 461 -45.21 -2.70 6.71
CA ALA A 461 -46.10 -3.87 6.71
C ALA A 461 -45.88 -4.66 7.99
N ASN A 462 -44.63 -4.71 8.46
CA ASN A 462 -44.30 -5.38 9.71
C ASN A 462 -44.73 -6.85 9.63
N ASP A 463 -44.27 -7.54 8.59
CA ASP A 463 -44.72 -8.92 8.31
C ASP A 463 -43.53 -9.83 8.01
N ARG A 464 -42.34 -9.33 8.33
CA ARG A 464 -41.06 -10.02 8.16
C ARG A 464 -40.65 -10.27 6.70
N HIS A 465 -41.37 -9.64 5.78
CA HIS A 465 -40.99 -9.70 4.38
C HIS A 465 -40.05 -8.56 4.01
N CYS A 466 -38.79 -8.90 3.83
CA CYS A 466 -37.81 -7.91 3.41
C CYS A 466 -38.06 -7.58 1.93
N PRO A 467 -38.12 -6.27 1.61
CA PRO A 467 -38.56 -5.87 0.27
C PRO A 467 -37.44 -5.98 -0.79
N LEU A 468 -36.85 -7.16 -0.90
CA LEU A 468 -35.90 -7.48 -1.96
C LEU A 468 -35.83 -8.99 -2.11
N ASN A 469 -36.27 -9.49 -3.27
CA ASN A 469 -36.23 -10.92 -3.58
C ASN A 469 -34.84 -11.38 -3.99
N ASP A 470 -34.15 -12.05 -3.07
CA ASP A 470 -32.79 -12.54 -3.32
C ASP A 470 -32.44 -13.54 -2.25
N LYS A 471 -31.72 -14.59 -2.61
CA LYS A 471 -31.35 -15.63 -1.66
C LYS A 471 -30.47 -15.07 -0.53
N ASN A 472 -29.70 -14.01 -0.82
CA ASN A 472 -28.82 -13.40 0.18
C ASN A 472 -29.52 -12.43 1.16
N VAL A 473 -30.80 -12.19 0.96
CA VAL A 473 -31.59 -11.37 1.87
C VAL A 473 -32.24 -12.22 2.95
N TYR A 474 -32.18 -11.77 4.20
CA TYR A 474 -32.95 -12.45 5.24
C TYR A 474 -33.48 -11.49 6.29
N PHE A 475 -34.57 -11.90 6.93
CA PHE A 475 -35.06 -11.19 8.10
C PHE A 475 -34.22 -11.55 9.32
N ASN A 476 -33.71 -10.52 10.00
CA ASN A 476 -32.88 -10.70 11.17
C ASN A 476 -33.76 -10.91 12.41
N LEU A 477 -33.78 -12.14 12.90
CA LEU A 477 -34.60 -12.47 14.06
C LEU A 477 -34.13 -11.78 15.35
N GLU A 478 -32.82 -11.58 15.48
CA GLU A 478 -32.27 -10.78 16.58
C GLU A 478 -32.86 -9.35 16.64
N SER A 479 -33.17 -8.77 15.48
CA SER A 479 -33.86 -7.46 15.44
C SER A 479 -35.08 -7.39 16.35
N LEU A 480 -35.73 -8.53 16.57
CA LEU A 480 -36.95 -8.58 17.39
C LEU A 480 -36.64 -8.53 18.88
N GLN A 481 -35.41 -8.88 19.25
CA GLN A 481 -35.00 -8.95 20.65
C GLN A 481 -34.69 -7.56 21.19
N PRO A 482 -35.33 -7.18 22.32
CA PRO A 482 -35.03 -5.85 22.89
C PRO A 482 -33.62 -5.83 23.48
N LEU A 483 -32.92 -4.71 23.31
CA LEU A 483 -31.53 -4.57 23.78
C LEU A 483 -31.47 -4.57 25.31
#